data_3PB9
#
_entry.id   3PB9
#
_cell.length_a   53.562
_cell.length_b   69.202
_cell.length_c   77.402
_cell.angle_alpha   90.00
_cell.angle_beta   90.00
_cell.angle_gamma   90.00
#
_symmetry.space_group_name_H-M   'P 21 21 21'
#
loop_
_entity.id
_entity.type
_entity.pdbx_description
1 polymer 'Glutaminyl-peptide cyclotransferase-like protein'
2 non-polymer 1-BENZYL-1H-IMIDAZOLE
3 non-polymer 'ZINC ION'
4 water water
#
_entity_poly.entity_id   1
_entity_poly.type   'polypeptide(L)'
_entity_poly.pdbx_seq_one_letter_code
;SGWHRRTEELPLGRELRVPLIGSLPEARLRRVVGQLDPQRLWSTYLRPLLVVRTPGSPGNLQVRKFLEATLRSLTAGWHV
ELDPFTASTPLGPVDFGNVVATLDPRAARHLTLACHYDSKLFPPGSTPFVGATDSAVPCALLLELAQALDLELSRAKKQA
APVTLQLLFLDGEEALKEWGPKDSLYGSRHLAQLMESIPHSPGPTRIQAIELFMLLDLLGAPNPTFYSHFPRTVRWFHRL
RSIEKRLHRLNLLQSHPQEVMYFQPGEPFGSVEDDHIPFLRRGVPVLHLISTPFPAVWHTPADTEVNLHPPTVHNLCRIL
AVFLAEYLGL
;
_entity_poly.pdbx_strand_id   X
#
# COMPACT_ATOMS: atom_id res chain seq x y z
N GLY A 22 1.03 -21.38 11.91
CA GLY A 22 1.53 -20.75 10.66
C GLY A 22 2.18 -19.41 11.01
N SER A 23 2.31 -19.13 12.29
CA SER A 23 3.02 -17.97 12.81
C SER A 23 4.52 -18.19 12.92
N LEU A 24 5.26 -17.10 12.91
CA LEU A 24 6.69 -17.24 13.03
C LEU A 24 7.06 -17.69 14.41
N PRO A 25 8.06 -18.58 14.50
CA PRO A 25 8.72 -18.73 15.79
C PRO A 25 9.32 -17.41 16.29
N GLU A 26 9.42 -17.24 17.56
CA GLU A 26 9.89 -15.98 18.09
C GLU A 26 11.20 -15.49 17.51
N ALA A 27 12.16 -16.43 17.40
CA ALA A 27 13.42 -16.32 16.55
C ALA A 27 13.21 -15.88 15.10
N ARG A 28 12.41 -16.51 14.26
CA ARG A 28 12.28 -16.03 12.95
C ARG A 28 11.82 -14.48 13.20
N LEU A 29 10.84 -14.21 14.12
CA LEU A 29 10.11 -12.94 14.14
C LEU A 29 11.07 -11.84 14.47
N ARG A 30 11.93 -12.03 15.47
CA ARG A 30 12.78 -10.94 15.88
C ARG A 30 13.83 -10.65 14.84
N ARG A 31 14.22 -11.67 14.05
CA ARG A 31 15.16 -11.46 12.93
C ARG A 31 14.48 -10.65 11.83
N VAL A 32 13.24 -11.00 11.48
CA VAL A 32 12.46 -10.28 10.47
C VAL A 32 12.35 -8.82 10.84
N VAL A 33 11.92 -8.54 12.06
CA VAL A 33 11.83 -7.15 12.52
C VAL A 33 13.15 -6.46 12.45
N GLY A 34 14.22 -7.22 12.71
CA GLY A 34 15.53 -6.66 12.71
C GLY A 34 16.06 -6.34 11.31
N GLN A 35 15.43 -6.88 10.25
CA GLN A 35 15.84 -6.57 8.87
C GLN A 35 15.30 -5.19 8.40
N LEU A 36 14.34 -4.65 9.11
CA LEU A 36 13.84 -3.30 8.79
C LEU A 36 14.87 -2.29 9.14
N ASP A 37 14.85 -1.17 8.40
CA ASP A 37 15.78 -0.08 8.66
C ASP A 37 14.95 1.21 8.72
N PRO A 38 14.67 1.71 9.90
CA PRO A 38 13.79 2.87 9.97
C PRO A 38 14.35 4.10 9.23
N GLN A 39 15.67 4.30 9.25
CA GLN A 39 16.23 5.47 8.58
C GLN A 39 16.10 5.33 7.09
N ARG A 40 16.25 4.12 6.55
CA ARG A 40 16.05 3.84 5.15
C ARG A 40 14.61 4.16 4.80
N LEU A 41 13.65 3.61 5.54
CA LEU A 41 12.25 3.93 5.29
C LEU A 41 12.08 5.44 5.20
N TRP A 42 12.56 6.16 6.19
CA TRP A 42 12.25 7.56 6.32
C TRP A 42 12.91 8.42 5.26
N SER A 43 14.21 8.19 5.04
CA SER A 43 15.03 9.03 4.19
C SER A 43 15.11 8.59 2.73
N THR A 44 15.18 7.29 2.50
CA THR A 44 15.36 6.73 1.18
C THR A 44 14.03 6.54 0.52
N TYR A 45 12.95 6.23 1.23
CA TYR A 45 11.67 5.90 0.61
C TYR A 45 10.65 6.96 0.87
N LEU A 46 10.54 7.55 2.05
CA LEU A 46 9.46 8.49 2.34
C LEU A 46 9.80 9.92 1.91
N ARG A 47 10.91 10.46 2.40
CA ARG A 47 11.26 11.83 2.11
C ARG A 47 11.18 12.19 0.61
N PRO A 48 11.71 11.36 -0.32
CA PRO A 48 11.63 11.78 -1.72
C PRO A 48 10.23 11.88 -2.24
N LEU A 49 9.26 11.21 -1.63
CA LEU A 49 7.87 11.25 -2.10
C LEU A 49 7.14 12.45 -1.71
N LEU A 50 7.67 13.18 -0.73
CA LEU A 50 6.89 14.29 -0.13
C LEU A 50 7.00 15.58 -0.93
N VAL A 51 6.45 15.51 -2.15
CA VAL A 51 6.40 16.60 -3.09
C VAL A 51 5.01 16.63 -3.66
N VAL A 52 4.62 17.76 -4.21
CA VAL A 52 3.38 17.82 -4.96
C VAL A 52 3.45 16.88 -6.15
N ARG A 53 2.43 16.06 -6.30
CA ARG A 53 2.48 14.95 -7.29
C ARG A 53 1.06 14.70 -7.79
N THR A 54 0.39 15.78 -8.20
CA THR A 54 -0.93 15.69 -8.75
C THR A 54 -0.83 15.07 -10.18
N PRO A 55 -1.85 14.36 -10.64
CA PRO A 55 -1.75 13.72 -11.95
C PRO A 55 -1.37 14.67 -13.09
N GLY A 56 -0.44 14.21 -13.89
CA GLY A 56 0.06 14.98 -15.04
C GLY A 56 1.14 15.94 -14.67
N SER A 57 1.45 16.17 -13.39
CA SER A 57 2.49 17.14 -13.03
C SER A 57 3.86 16.58 -13.20
N PRO A 58 4.84 17.46 -13.30
CA PRO A 58 6.26 16.96 -13.26
C PRO A 58 6.57 16.22 -12.00
N GLY A 59 6.07 16.69 -10.84
CA GLY A 59 6.35 16.02 -9.61
C GLY A 59 5.80 14.60 -9.62
N ASN A 60 4.59 14.41 -10.14
CA ASN A 60 4.03 13.08 -10.25
C ASN A 60 4.89 12.19 -11.14
N LEU A 61 5.35 12.72 -12.29
CA LEU A 61 6.21 11.98 -13.17
C LEU A 61 7.48 11.59 -12.45
N GLN A 62 8.07 12.53 -11.73
CA GLN A 62 9.34 12.24 -11.03
C GLN A 62 9.12 11.19 -9.94
N VAL A 63 8.02 11.27 -9.19
CA VAL A 63 7.77 10.23 -8.21
C VAL A 63 7.55 8.90 -8.86
N ARG A 64 6.84 8.83 -9.98
CA ARG A 64 6.66 7.60 -10.70
C ARG A 64 7.99 6.99 -11.09
N LYS A 65 8.89 7.84 -11.63
CA LYS A 65 10.20 7.30 -12.07
C LYS A 65 11.00 6.84 -10.87
N PHE A 66 10.91 7.55 -9.75
CA PHE A 66 11.59 7.16 -8.51
C PHE A 66 11.08 5.79 -8.04
N LEU A 67 9.78 5.61 -8.02
CA LEU A 67 9.23 4.28 -7.62
C LEU A 67 9.73 3.23 -8.56
N GLU A 68 9.66 3.46 -9.87
CA GLU A 68 10.08 2.46 -10.81
C GLU A 68 11.52 2.08 -10.62
N ALA A 69 12.40 3.07 -10.54
CA ALA A 69 13.83 2.79 -10.43
C ALA A 69 14.15 2.12 -9.10
N THR A 70 13.48 2.53 -8.02
CA THR A 70 13.76 1.89 -6.73
C THR A 70 13.33 0.44 -6.82
N LEU A 71 12.17 0.16 -7.37
CA LEU A 71 11.71 -1.24 -7.48
C LEU A 71 12.62 -2.03 -8.37
N ARG A 72 13.08 -1.49 -9.52
CA ARG A 72 13.97 -2.24 -10.40
C ARG A 72 15.33 -2.52 -9.73
N SER A 73 15.73 -1.73 -8.71
CA SER A 73 17.03 -1.93 -8.09
C SER A 73 16.99 -3.09 -7.12
N LEU A 74 15.81 -3.52 -6.66
CA LEU A 74 15.76 -4.60 -5.70
C LEU A 74 16.48 -5.82 -6.24
N THR A 75 17.32 -6.46 -5.42
CA THR A 75 18.14 -7.54 -5.94
C THR A 75 17.34 -8.78 -6.38
N ALA A 76 16.15 -8.95 -5.80
CA ALA A 76 15.33 -10.06 -6.21
C ALA A 76 14.95 -10.04 -7.68
N GLY A 77 15.00 -8.89 -8.35
CA GLY A 77 14.75 -8.87 -9.77
C GLY A 77 13.27 -8.90 -10.12
N TRP A 78 12.49 -7.94 -9.59
CA TRP A 78 11.11 -7.81 -9.83
C TRP A 78 10.82 -7.48 -11.30
N HIS A 79 9.65 -7.90 -11.80
CA HIS A 79 9.13 -7.40 -13.08
C HIS A 79 8.40 -6.07 -12.76
N VAL A 80 8.78 -5.00 -13.43
CA VAL A 80 8.21 -3.69 -13.16
C VAL A 80 7.70 -3.13 -14.45
N GLU A 81 6.40 -2.73 -14.50
CA GLU A 81 5.86 -2.17 -15.74
C GLU A 81 4.95 -1.04 -15.42
N LEU A 82 4.83 -0.07 -16.26
CA LEU A 82 3.84 1.00 -16.15
C LEU A 82 2.56 0.66 -16.88
N ASP A 83 1.42 1.12 -16.40
CA ASP A 83 0.14 1.12 -17.11
C ASP A 83 -0.18 2.57 -17.38
N PRO A 84 0.28 3.11 -18.55
CA PRO A 84 0.01 4.49 -18.88
C PRO A 84 -1.30 4.60 -19.68
N PHE A 85 -2.03 5.68 -19.43
CA PHE A 85 -3.27 5.94 -20.20
C PHE A 85 -3.59 7.40 -20.08
N THR A 86 -4.40 7.86 -21.01
CA THR A 86 -4.94 9.20 -20.95
C THR A 86 -6.42 9.18 -20.72
N ALA A 87 -6.94 9.96 -19.78
CA ALA A 87 -8.35 9.97 -19.50
C ALA A 87 -8.87 11.37 -19.47
N SER A 88 -10.16 11.49 -19.80
CA SER A 88 -10.83 12.75 -19.58
C SER A 88 -11.06 13.09 -18.15
N THR A 89 -10.86 14.31 -17.78
CA THR A 89 -10.98 14.77 -16.38
C THR A 89 -11.66 16.12 -16.40
N PRO A 90 -11.99 16.65 -15.24
CA PRO A 90 -12.54 18.00 -15.18
C PRO A 90 -11.56 19.09 -15.65
N LEU A 91 -10.27 18.73 -15.76
CA LEU A 91 -9.21 19.61 -16.19
C LEU A 91 -8.86 19.38 -17.64
N GLY A 92 -9.63 18.59 -18.37
CA GLY A 92 -9.29 18.21 -19.69
C GLY A 92 -8.52 16.85 -19.72
N PRO A 93 -7.99 16.45 -20.84
CA PRO A 93 -7.23 15.18 -20.91
C PRO A 93 -6.05 15.23 -19.98
N VAL A 94 -5.82 14.14 -19.23
CA VAL A 94 -4.67 14.01 -18.36
C VAL A 94 -4.07 12.64 -18.56
N ASP A 95 -2.78 12.54 -18.51
CA ASP A 95 -2.07 11.27 -18.58
C ASP A 95 -1.79 10.74 -17.16
N PHE A 96 -2.11 9.51 -16.97
CA PHE A 96 -1.95 8.76 -15.70
C PHE A 96 -1.04 7.60 -15.93
N GLY A 97 -0.41 7.10 -14.86
CA GLY A 97 0.41 5.91 -15.01
C GLY A 97 0.49 5.13 -13.72
N ASN A 98 -0.04 3.91 -13.72
CA ASN A 98 0.08 3.04 -12.57
C ASN A 98 1.36 2.31 -12.60
N VAL A 99 2.06 2.15 -11.48
CA VAL A 99 3.29 1.34 -11.39
C VAL A 99 2.94 -0.03 -10.86
N VAL A 100 3.23 -1.06 -11.64
CA VAL A 100 2.84 -2.44 -11.34
C VAL A 100 4.15 -3.27 -11.16
N ALA A 101 4.44 -3.73 -9.97
CA ALA A 101 5.66 -4.52 -9.68
C ALA A 101 5.20 -5.90 -9.30
N THR A 102 5.64 -6.91 -10.04
CA THR A 102 5.28 -8.32 -9.75
C THR A 102 6.55 -9.08 -9.58
N LEU A 103 6.77 -9.68 -8.42
CA LEU A 103 8.07 -10.27 -8.11
C LEU A 103 8.36 -11.40 -9.12
N ASP A 104 7.43 -12.34 -9.23
CA ASP A 104 7.58 -13.47 -10.14
C ASP A 104 6.43 -13.49 -11.09
N PRO A 105 6.59 -12.95 -12.33
CA PRO A 105 5.53 -12.92 -13.33
C PRO A 105 5.10 -14.33 -13.78
N ARG A 106 5.90 -15.36 -13.48
CA ARG A 106 5.57 -16.74 -13.88
C ARG A 106 4.53 -17.36 -12.93
N ALA A 107 4.39 -16.78 -11.73
CA ALA A 107 3.59 -17.44 -10.70
C ALA A 107 2.11 -17.41 -11.02
N ALA A 108 1.39 -18.41 -10.58
CA ALA A 108 -0.05 -18.48 -10.76
C ALA A 108 -0.76 -17.29 -10.11
N ARG A 109 -0.36 -16.95 -8.90
CA ARG A 109 -1.18 -15.98 -8.12
C ARG A 109 -0.26 -15.20 -7.23
N HIS A 110 -0.82 -14.15 -6.60
CA HIS A 110 -0.01 -13.24 -5.77
C HIS A 110 -0.85 -12.59 -4.68
N LEU A 111 -0.21 -12.37 -3.56
CA LEU A 111 -0.65 -11.33 -2.64
C LEU A 111 -0.37 -9.97 -3.31
N THR A 112 -1.35 -9.11 -3.38
CA THR A 112 -1.16 -7.76 -3.89
C THR A 112 -1.32 -6.75 -2.78
N LEU A 113 -0.28 -5.94 -2.61
CA LEU A 113 -0.34 -4.79 -1.72
C LEU A 113 -0.41 -3.56 -2.54
N ALA A 114 -1.27 -2.61 -2.18
CA ALA A 114 -1.56 -1.45 -3.07
C ALA A 114 -1.63 -0.18 -2.24
N CYS A 115 -1.42 0.94 -2.93
CA CYS A 115 -1.58 2.27 -2.38
C CYS A 115 -1.64 3.23 -3.56
N HIS A 116 -1.94 4.52 -3.28
CA HIS A 116 -1.92 5.52 -4.33
C HIS A 116 -0.71 6.44 -4.19
N TYR A 117 -0.06 6.80 -5.29
CA TYR A 117 1.06 7.68 -5.24
C TYR A 117 0.78 9.11 -5.64
N ASP A 118 -0.39 9.38 -6.21
CA ASP A 118 -0.72 10.76 -6.50
C ASP A 118 -1.04 11.52 -5.26
N SER A 119 -0.93 12.84 -5.29
CA SER A 119 -1.46 13.69 -4.25
C SER A 119 -2.63 14.49 -4.79
N LYS A 120 -3.58 14.80 -3.88
CA LYS A 120 -4.79 15.50 -4.22
C LYS A 120 -4.48 16.93 -4.67
N LEU A 121 -5.09 17.34 -5.78
CA LEU A 121 -4.95 18.70 -6.25
C LEU A 121 -5.78 19.66 -5.43
N PHE A 122 -5.11 20.70 -4.96
CA PHE A 122 -5.76 21.83 -4.30
C PHE A 122 -5.45 23.07 -5.17
N PRO A 123 -6.31 24.07 -5.10
CA PRO A 123 -6.07 25.32 -5.86
C PRO A 123 -4.88 26.08 -5.33
N PRO A 124 -4.25 26.91 -6.19
CA PRO A 124 -3.13 27.72 -5.76
C PRO A 124 -3.49 28.66 -4.61
N GLY A 125 -2.47 29.02 -3.89
CA GLY A 125 -2.64 30.06 -2.91
C GLY A 125 -2.50 29.59 -1.47
N SER A 126 -2.14 28.34 -1.28
CA SER A 126 -1.95 27.80 0.08
C SER A 126 -0.61 27.11 0.16
N THR A 127 -0.26 26.64 1.34
CA THR A 127 0.81 25.72 1.44
C THR A 127 0.48 24.50 0.63
N PRO A 128 1.49 23.98 -0.10
CA PRO A 128 1.24 22.83 -0.94
C PRO A 128 0.84 21.57 -0.17
N PHE A 129 -0.09 20.83 -0.73
CA PHE A 129 -0.58 19.59 -0.16
C PHE A 129 0.33 18.43 -0.69
N VAL A 130 0.99 17.76 0.24
CA VAL A 130 1.85 16.65 -0.07
C VAL A 130 1.34 15.33 0.47
N GLY A 131 0.21 15.30 1.17
CA GLY A 131 -0.42 13.99 1.48
C GLY A 131 0.55 13.03 2.14
N ALA A 132 1.12 13.41 3.28
CA ALA A 132 2.07 12.51 3.95
C ALA A 132 1.44 11.19 4.34
N THR A 133 0.27 11.22 4.97
CA THR A 133 -0.46 9.99 5.32
C THR A 133 -1.18 9.41 4.10
N ASP A 134 -1.33 10.20 3.04
CA ASP A 134 -2.35 10.04 2.02
C ASP A 134 -1.73 10.30 0.67
N SER A 135 -0.83 9.42 0.20
CA SER A 135 -0.44 8.14 0.79
C SER A 135 1.06 7.97 0.69
N ALA A 136 1.82 8.98 1.01
CA ALA A 136 3.29 8.82 0.95
C ALA A 136 3.78 7.75 1.92
N VAL A 137 3.27 7.71 3.15
CA VAL A 137 3.67 6.69 4.11
C VAL A 137 3.31 5.30 3.60
N PRO A 138 2.08 5.03 3.13
CA PRO A 138 1.80 3.73 2.49
C PRO A 138 2.81 3.35 1.41
N CYS A 139 3.14 4.30 0.52
CA CYS A 139 4.10 4.00 -0.55
C CYS A 139 5.45 3.57 0.06
N ALA A 140 5.94 4.36 1.02
CA ALA A 140 7.23 4.10 1.61
C ALA A 140 7.24 2.74 2.36
N LEU A 141 6.15 2.40 3.01
CA LEU A 141 6.05 1.10 3.70
C LEU A 141 6.23 -0.02 2.69
N LEU A 142 5.56 0.06 1.54
CA LEU A 142 5.71 -1.01 0.55
C LEU A 142 7.13 -1.16 0.10
N LEU A 143 7.81 -0.06 -0.16
CA LEU A 143 9.20 -0.11 -0.59
C LEU A 143 10.06 -0.71 0.50
N GLU A 144 9.88 -0.32 1.75
CA GLU A 144 10.68 -0.84 2.87
C GLU A 144 10.45 -2.34 3.04
N LEU A 145 9.19 -2.77 2.95
CA LEU A 145 8.91 -4.22 3.08
C LEU A 145 9.65 -5.00 1.97
N ALA A 146 9.55 -4.54 0.74
CA ALA A 146 10.20 -5.23 -0.39
C ALA A 146 11.73 -5.29 -0.19
N GLN A 147 12.31 -4.22 0.33
CA GLN A 147 13.78 -4.19 0.52
C GLN A 147 14.12 -5.07 1.74
N ALA A 148 13.45 -4.91 2.86
CA ALA A 148 13.79 -5.62 4.08
C ALA A 148 13.70 -7.15 3.89
N LEU A 149 12.73 -7.61 3.10
CA LEU A 149 12.54 -9.02 2.84
C LEU A 149 13.14 -9.46 1.53
N ASP A 150 14.02 -8.65 0.95
CA ASP A 150 14.48 -9.00 -0.40
C ASP A 150 15.15 -10.36 -0.51
N LEU A 151 15.98 -10.72 0.48
CA LEU A 151 16.66 -12.01 0.36
C LEU A 151 15.65 -13.17 0.39
N GLU A 152 14.67 -13.11 1.30
CA GLU A 152 13.65 -14.13 1.38
C GLU A 152 12.78 -14.17 0.13
N LEU A 153 12.42 -13.00 -0.38
CA LEU A 153 11.61 -12.96 -1.60
C LEU A 153 12.35 -13.53 -2.77
N SER A 154 13.60 -13.14 -2.88
CA SER A 154 14.43 -13.66 -3.95
C SER A 154 14.52 -15.19 -3.90
N ARG A 155 14.72 -15.70 -2.71
CA ARG A 155 14.86 -17.18 -2.52
C ARG A 155 13.54 -17.84 -2.93
N ALA A 156 12.39 -17.29 -2.49
CA ALA A 156 11.11 -17.82 -2.83
C ALA A 156 10.90 -17.86 -4.35
N LYS A 157 11.23 -16.78 -5.05
CA LYS A 157 11.02 -16.73 -6.46
C LYS A 157 11.90 -17.81 -7.07
N LYS A 158 13.18 -17.92 -6.68
CA LYS A 158 14.07 -18.94 -7.25
C LYS A 158 13.49 -20.37 -7.02
N GLN A 159 12.78 -20.59 -5.93
CA GLN A 159 12.15 -21.86 -5.66
C GLN A 159 10.82 -22.01 -6.40
N ALA A 160 10.45 -21.04 -7.26
CA ALA A 160 9.15 -21.07 -7.99
C ALA A 160 8.01 -21.25 -7.02
N ALA A 161 8.05 -20.40 -5.99
CA ALA A 161 7.05 -20.45 -4.97
C ALA A 161 5.71 -20.24 -5.63
N PRO A 162 4.68 -20.88 -5.08
CA PRO A 162 3.47 -20.86 -5.87
C PRO A 162 2.70 -19.47 -5.87
N VAL A 163 2.83 -18.73 -4.81
CA VAL A 163 2.18 -17.42 -4.62
C VAL A 163 3.26 -16.41 -4.51
N THR A 164 3.26 -15.41 -5.41
CA THR A 164 4.25 -14.36 -5.34
C THR A 164 3.70 -13.10 -4.67
N LEU A 165 4.44 -11.98 -4.82
CA LEU A 165 4.08 -10.68 -4.23
C LEU A 165 3.97 -9.71 -5.38
N GLN A 166 2.95 -8.85 -5.32
CA GLN A 166 2.73 -7.80 -6.29
C GLN A 166 2.55 -6.52 -5.49
N LEU A 167 3.16 -5.41 -5.92
CA LEU A 167 2.95 -4.10 -5.32
C LEU A 167 2.39 -3.19 -6.44
N LEU A 168 1.31 -2.53 -6.09
CA LEU A 168 0.67 -1.57 -7.00
C LEU A 168 0.76 -0.19 -6.41
N PHE A 169 1.28 0.76 -7.20
CA PHE A 169 1.31 2.17 -6.84
C PHE A 169 0.41 2.86 -7.85
N LEU A 170 -0.83 3.17 -7.41
CA LEU A 170 -1.86 3.64 -8.30
C LEU A 170 -1.80 5.15 -8.46
N ASP A 171 -2.03 5.61 -9.70
CA ASP A 171 -2.14 7.02 -9.94
C ASP A 171 -3.59 7.44 -9.89
N GLY A 172 -3.82 8.76 -9.69
CA GLY A 172 -5.14 9.30 -9.83
C GLY A 172 -6.19 8.76 -8.90
N GLU A 173 -5.85 8.36 -7.69
CA GLU A 173 -6.92 7.97 -6.76
C GLU A 173 -7.81 9.15 -6.44
N GLU A 174 -7.22 10.32 -6.25
CA GLU A 174 -7.95 11.47 -5.69
C GLU A 174 -8.78 12.12 -6.80
N ALA A 175 -9.88 12.73 -6.40
CA ALA A 175 -10.67 13.58 -7.32
C ALA A 175 -9.76 14.77 -7.73
N LEU A 176 -9.88 15.19 -8.99
CA LEU A 176 -9.16 16.38 -9.43
C LEU A 176 -9.78 17.72 -9.15
N LYS A 177 -11.13 17.67 -9.08
CA LYS A 177 -11.90 18.89 -8.84
C LYS A 177 -13.18 18.60 -8.02
N GLU A 178 -13.70 17.37 -7.50
CA GLU A 178 -14.97 16.87 -6.65
C GLU A 178 -15.36 15.26 -6.71
N TRP A 179 -15.43 14.58 -5.52
CA TRP A 179 -15.49 13.07 -5.47
C TRP A 179 -16.85 12.46 -5.99
N GLY A 180 -16.75 11.51 -6.90
CA GLY A 180 -17.87 10.84 -7.41
C GLY A 180 -17.36 9.69 -8.22
N PRO A 181 -18.30 8.83 -8.69
CA PRO A 181 -17.91 7.66 -9.48
C PRO A 181 -17.07 8.01 -10.72
N LYS A 182 -17.22 9.20 -11.33
CA LYS A 182 -16.35 9.64 -12.37
C LYS A 182 -15.15 10.59 -12.11
N ASP A 183 -15.01 11.38 -11.08
CA ASP A 183 -13.77 12.13 -10.85
C ASP A 183 -13.09 11.57 -9.60
N SER A 184 -12.52 10.37 -9.74
CA SER A 184 -11.83 9.64 -8.66
C SER A 184 -11.39 8.31 -9.24
N LEU A 185 -10.40 7.69 -8.60
CA LEU A 185 -10.05 6.29 -8.88
C LEU A 185 -9.69 6.13 -10.31
N TYR A 186 -9.00 7.08 -10.94
CA TYR A 186 -8.72 6.96 -12.37
C TYR A 186 -7.81 5.77 -12.63
N GLY A 187 -6.76 5.66 -11.82
CA GLY A 187 -5.78 4.62 -12.02
C GLY A 187 -6.30 3.24 -11.71
N SER A 188 -6.98 3.06 -10.62
CA SER A 188 -7.50 1.74 -10.23
C SER A 188 -8.63 1.30 -11.20
N ARG A 189 -9.53 2.21 -11.61
CA ARG A 189 -10.53 1.83 -12.56
C ARG A 189 -9.88 1.33 -13.84
N HIS A 190 -8.85 2.03 -14.34
CA HIS A 190 -8.19 1.60 -15.53
C HIS A 190 -7.46 0.28 -15.35
N LEU A 191 -6.71 0.15 -14.25
CA LEU A 191 -5.88 -1.06 -14.09
C LEU A 191 -6.75 -2.30 -13.90
N ALA A 192 -7.88 -2.17 -13.18
CA ALA A 192 -8.75 -3.35 -13.00
C ALA A 192 -9.30 -3.78 -14.33
N GLN A 193 -9.74 -2.83 -15.17
CA GLN A 193 -10.23 -3.20 -16.52
C GLN A 193 -9.10 -3.81 -17.36
N LEU A 194 -7.94 -3.25 -17.26
CA LEU A 194 -6.78 -3.75 -18.00
C LEU A 194 -6.47 -5.20 -17.60
N MET A 195 -6.39 -5.48 -16.31
CA MET A 195 -6.11 -6.82 -15.83
C MET A 195 -7.19 -7.77 -16.27
N GLU A 196 -8.46 -7.34 -16.29
CA GLU A 196 -9.54 -8.21 -16.75
C GLU A 196 -9.32 -8.64 -18.21
N SER A 197 -8.73 -7.75 -18.98
CA SER A 197 -8.52 -8.01 -20.42
C SER A 197 -7.30 -8.85 -20.77
N ILE A 198 -6.44 -9.15 -19.80
CA ILE A 198 -5.18 -9.86 -20.07
C ILE A 198 -5.26 -11.28 -19.55
N PRO A 199 -5.04 -12.26 -20.45
CA PRO A 199 -5.06 -13.67 -20.02
C PRO A 199 -3.94 -13.94 -19.03
N HIS A 200 -4.15 -14.88 -18.11
CA HIS A 200 -3.13 -15.36 -17.16
C HIS A 200 -3.42 -16.82 -16.93
N SER A 201 -2.36 -17.52 -16.56
CA SER A 201 -2.43 -18.96 -16.28
C SER A 201 -2.21 -19.24 -14.82
N PRO A 202 -3.15 -19.90 -14.13
CA PRO A 202 -4.42 -20.45 -14.64
C PRO A 202 -5.50 -19.41 -14.87
N GLY A 203 -5.46 -18.30 -14.12
CA GLY A 203 -6.35 -17.15 -14.44
C GLY A 203 -7.79 -17.54 -14.28
N PRO A 204 -8.60 -17.22 -15.28
CA PRO A 204 -8.20 -17.07 -16.70
C PRO A 204 -7.70 -15.67 -17.04
N THR A 205 -7.88 -14.67 -16.17
CA THR A 205 -7.31 -13.36 -16.47
C THR A 205 -6.46 -12.93 -15.28
N ARG A 206 -5.78 -11.81 -15.47
CA ARG A 206 -4.91 -11.33 -14.36
C ARG A 206 -5.74 -10.92 -13.14
N ILE A 207 -7.05 -10.63 -13.29
CA ILE A 207 -7.83 -10.34 -12.09
C ILE A 207 -7.87 -11.56 -11.13
N GLN A 208 -8.00 -12.77 -11.70
CA GLN A 208 -8.02 -13.97 -10.86
C GLN A 208 -6.67 -14.32 -10.28
N ALA A 209 -5.56 -13.74 -10.74
CA ALA A 209 -4.29 -13.96 -10.11
C ALA A 209 -4.15 -13.26 -8.80
N ILE A 210 -5.03 -12.32 -8.45
CA ILE A 210 -4.92 -11.61 -7.16
C ILE A 210 -5.53 -12.48 -6.10
N GLU A 211 -4.69 -13.05 -5.25
CA GLU A 211 -5.22 -13.95 -4.22
C GLU A 211 -5.89 -13.10 -3.11
N LEU A 212 -5.28 -11.97 -2.78
CA LEU A 212 -5.79 -11.04 -1.77
C LEU A 212 -5.27 -9.68 -2.22
N PHE A 213 -6.13 -8.65 -2.15
CA PHE A 213 -5.81 -7.25 -2.44
C PHE A 213 -5.83 -6.49 -1.14
N MET A 214 -4.66 -6.14 -0.63
CA MET A 214 -4.56 -5.41 0.67
C MET A 214 -4.18 -3.98 0.30
N LEU A 215 -5.11 -3.07 0.53
CA LEU A 215 -4.97 -1.67 0.18
C LEU A 215 -4.58 -0.87 1.43
N LEU A 216 -3.42 -0.24 1.40
CA LEU A 216 -2.96 0.64 2.51
C LEU A 216 -3.30 2.08 2.19
N ASP A 217 -3.92 2.79 3.12
CA ASP A 217 -4.25 4.20 2.87
C ASP A 217 -4.34 4.92 4.19
N LEU A 218 -3.97 6.17 4.25
CA LEU A 218 -4.18 7.00 5.43
C LEU A 218 -3.44 6.43 6.65
N LEU A 219 -2.13 6.25 6.49
CA LEU A 219 -1.27 5.68 7.50
C LEU A 219 -0.19 6.66 7.86
N GLY A 220 0.21 6.62 9.15
CA GLY A 220 1.29 7.43 9.63
C GLY A 220 0.93 8.48 10.65
N ALA A 221 -0.35 8.74 10.86
CA ALA A 221 -0.79 9.63 11.91
C ALA A 221 -0.73 8.88 13.24
N PRO A 222 -0.68 9.63 14.36
CA PRO A 222 -0.80 8.95 15.69
C PRO A 222 -2.23 8.38 15.86
N ASN A 223 -2.31 7.32 16.64
CA ASN A 223 -3.57 6.74 17.07
C ASN A 223 -4.54 6.35 15.93
N PRO A 224 -4.06 5.61 14.93
CA PRO A 224 -4.96 5.14 13.87
C PRO A 224 -5.88 4.06 14.47
N THR A 225 -7.02 3.86 13.80
CA THR A 225 -7.90 2.74 14.10
C THR A 225 -8.34 2.07 12.82
N PHE A 226 -8.24 0.74 12.82
CA PHE A 226 -8.61 -0.06 11.69
C PHE A 226 -9.67 -1.05 12.06
N TYR A 227 -10.60 -1.28 11.16
CA TYR A 227 -11.68 -2.27 11.33
C TYR A 227 -11.68 -3.21 10.15
N SER A 228 -12.30 -4.36 10.29
CA SER A 228 -12.48 -5.27 9.17
C SER A 228 -13.63 -4.80 8.31
N HIS A 229 -13.35 -4.39 7.06
CA HIS A 229 -14.36 -3.89 6.19
C HIS A 229 -15.11 -5.02 5.42
N PHE A 230 -14.55 -6.21 5.38
CA PHE A 230 -15.08 -7.27 4.52
C PHE A 230 -15.05 -8.58 5.30
N PRO A 231 -16.22 -9.13 5.59
CA PRO A 231 -16.29 -10.45 6.27
C PRO A 231 -15.47 -11.50 5.52
N ARG A 232 -15.46 -11.45 4.20
CA ARG A 232 -14.74 -12.45 3.43
C ARG A 232 -13.28 -12.59 3.84
N THR A 233 -12.66 -11.47 4.19
CA THR A 233 -11.23 -11.45 4.52
C THR A 233 -10.91 -11.26 5.99
N VAL A 234 -11.91 -11.47 6.85
CA VAL A 234 -11.68 -11.20 8.27
C VAL A 234 -10.56 -12.06 8.80
N ARG A 235 -10.29 -13.24 8.29
CA ARG A 235 -9.21 -14.01 8.84
C ARG A 235 -7.88 -13.27 8.82
N TRP A 236 -7.67 -12.50 7.74
CA TRP A 236 -6.41 -11.75 7.66
C TRP A 236 -6.42 -10.55 8.58
N PHE A 237 -7.57 -9.94 8.80
CA PHE A 237 -7.67 -8.88 9.78
C PHE A 237 -7.34 -9.44 11.18
N HIS A 238 -7.90 -10.61 11.49
CA HIS A 238 -7.58 -11.22 12.78
C HIS A 238 -6.09 -11.52 12.91
N ARG A 239 -5.47 -11.91 11.82
CA ARG A 239 -4.01 -12.18 11.85
C ARG A 239 -3.28 -10.84 12.18
N LEU A 240 -3.63 -9.74 11.50
CA LEU A 240 -2.99 -8.47 11.85
C LEU A 240 -3.20 -8.10 13.31
N ARG A 241 -4.39 -8.28 13.87
CA ARG A 241 -4.62 -7.98 15.25
C ARG A 241 -3.76 -8.86 16.15
N SER A 242 -3.67 -10.12 15.83
CA SER A 242 -2.83 -11.03 16.62
C SER A 242 -1.39 -10.62 16.55
N ILE A 243 -0.90 -10.19 15.41
CA ILE A 243 0.49 -9.77 15.30
C ILE A 243 0.66 -8.47 16.13
N GLU A 244 -0.27 -7.53 16.07
CA GLU A 244 -0.14 -6.35 16.96
C GLU A 244 0.01 -6.76 18.42
N LYS A 245 -0.84 -7.64 18.89
CA LYS A 245 -0.81 -8.10 20.29
C LYS A 245 0.53 -8.78 20.59
N ARG A 246 0.99 -9.62 19.66
CA ARG A 246 2.24 -10.33 19.92
C ARG A 246 3.40 -9.39 19.99
N LEU A 247 3.48 -8.50 19.00
CA LEU A 247 4.60 -7.57 19.04
C LEU A 247 4.53 -6.68 20.27
N HIS A 248 3.35 -6.28 20.72
CA HIS A 248 3.22 -5.57 21.98
C HIS A 248 3.82 -6.40 23.14
N ARG A 249 3.44 -7.66 23.25
CA ARG A 249 3.87 -8.50 24.34
C ARG A 249 5.34 -8.75 24.29
N LEU A 250 5.92 -8.82 23.09
CA LEU A 250 7.37 -9.00 22.88
C LEU A 250 8.20 -7.73 23.01
N ASN A 251 7.56 -6.64 23.43
CA ASN A 251 8.31 -5.41 23.58
C ASN A 251 8.94 -4.88 22.31
N LEU A 252 8.15 -5.00 21.26
CA LEU A 252 8.59 -4.57 19.96
C LEU A 252 7.80 -3.35 19.38
N LEU A 253 6.84 -2.83 20.12
CA LEU A 253 6.12 -1.69 19.62
C LEU A 253 6.37 -0.49 20.58
N GLN A 254 6.51 0.72 20.02
CA GLN A 254 6.76 1.91 20.76
C GLN A 254 5.54 2.71 20.86
N SER A 255 5.52 3.55 21.92
CA SER A 255 4.44 4.48 22.15
C SER A 255 3.13 3.64 22.03
N HIS A 256 3.17 2.41 22.59
CA HIS A 256 2.05 1.46 22.37
C HIS A 256 1.63 0.92 23.72
N PRO A 257 1.06 1.82 24.51
CA PRO A 257 1.15 1.45 25.92
C PRO A 257 0.10 0.39 26.21
N GLN A 258 -0.85 0.13 25.29
CA GLN A 258 -1.91 -0.90 25.49
C GLN A 258 -1.85 -2.06 24.41
N GLU A 259 -2.21 -3.33 24.72
CA GLU A 259 -1.86 -4.44 23.83
C GLU A 259 -2.57 -4.35 22.46
N VAL A 260 -3.87 -4.03 22.45
CA VAL A 260 -4.56 -3.71 21.17
C VAL A 260 -4.89 -2.20 21.13
N MET A 261 -4.40 -1.49 20.12
CA MET A 261 -4.67 -0.02 19.93
C MET A 261 -5.20 0.13 18.50
N TYR A 262 -4.54 -0.50 17.52
CA TYR A 262 -4.86 -0.19 16.14
C TYR A 262 -5.99 -1.01 15.57
N PHE A 263 -5.90 -2.33 15.73
CA PHE A 263 -6.83 -3.25 15.04
C PHE A 263 -8.00 -3.51 15.93
N GLN A 264 -9.11 -2.88 15.68
CA GLN A 264 -10.25 -2.89 16.51
C GLN A 264 -11.28 -3.91 16.05
N PRO A 265 -11.94 -4.56 17.01
CA PRO A 265 -12.93 -5.55 16.67
C PRO A 265 -14.23 -4.85 16.30
N GLY A 266 -15.15 -5.60 15.69
CA GLY A 266 -16.50 -5.04 15.56
C GLY A 266 -16.80 -4.30 14.23
N GLU A 267 -18.04 -3.77 14.11
CA GLU A 267 -18.47 -3.04 12.94
C GLU A 267 -17.52 -1.87 12.61
N PRO A 268 -17.22 -1.65 11.33
CA PRO A 268 -16.44 -0.53 11.03
C PRO A 268 -17.05 0.83 11.38
N PHE A 269 -16.22 1.80 11.72
CA PHE A 269 -16.59 3.18 11.87
C PHE A 269 -17.39 3.60 10.65
N GLY A 270 -16.86 3.26 9.47
CA GLY A 270 -17.54 3.57 8.17
C GLY A 270 -16.69 2.97 7.10
N SER A 271 -17.30 2.77 5.93
CA SER A 271 -16.59 2.28 4.72
C SER A 271 -16.10 3.46 3.96
N VAL A 272 -15.11 3.26 3.11
CA VAL A 272 -14.46 4.35 2.41
C VAL A 272 -14.28 3.92 0.97
N GLU A 273 -14.82 4.66 0.03
CA GLU A 273 -14.57 4.43 -1.36
C GLU A 273 -13.11 4.62 -1.65
N ASP A 274 -12.45 3.72 -2.40
CA ASP A 274 -11.01 3.80 -2.54
C ASP A 274 -10.64 2.86 -3.70
N ASP A 275 -9.34 2.75 -3.93
CA ASP A 275 -8.80 2.01 -5.06
C ASP A 275 -9.13 0.55 -5.07
N HIS A 276 -9.62 -0.03 -3.96
CA HIS A 276 -10.06 -1.43 -4.02
C HIS A 276 -11.35 -1.63 -4.78
N ILE A 277 -12.18 -0.62 -4.93
CA ILE A 277 -13.54 -0.79 -5.43
C ILE A 277 -13.55 -1.45 -6.81
N PRO A 278 -12.74 -1.04 -7.79
CA PRO A 278 -12.82 -1.66 -9.09
C PRO A 278 -12.44 -3.12 -9.07
N PHE A 279 -11.60 -3.51 -8.10
CA PHE A 279 -11.22 -4.90 -7.92
C PHE A 279 -12.28 -5.68 -7.18
N LEU A 280 -12.81 -5.10 -6.10
CA LEU A 280 -13.87 -5.74 -5.33
C LEU A 280 -15.04 -6.07 -6.24
N ARG A 281 -15.41 -5.15 -7.13
CA ARG A 281 -16.60 -5.36 -7.94
C ARG A 281 -16.37 -6.50 -8.92
N ARG A 282 -15.15 -6.88 -9.17
CA ARG A 282 -14.81 -7.97 -10.10
C ARG A 282 -14.55 -9.25 -9.34
N GLY A 283 -14.81 -9.29 -8.07
CA GLY A 283 -14.76 -10.50 -7.25
C GLY A 283 -13.40 -10.74 -6.55
N VAL A 284 -12.49 -9.76 -6.58
CA VAL A 284 -11.21 -9.88 -5.88
C VAL A 284 -11.44 -9.76 -4.39
N PRO A 285 -10.87 -10.64 -3.57
CA PRO A 285 -10.94 -10.45 -2.09
C PRO A 285 -10.10 -9.25 -1.66
N VAL A 286 -10.66 -8.41 -0.81
CA VAL A 286 -9.99 -7.18 -0.40
C VAL A 286 -9.90 -7.12 1.12
N LEU A 287 -8.77 -6.62 1.61
CA LEU A 287 -8.63 -6.13 2.98
C LEU A 287 -8.24 -4.65 2.87
N HIS A 288 -9.01 -3.76 3.50
CA HIS A 288 -8.81 -2.32 3.35
C HIS A 288 -8.14 -1.82 4.62
N LEU A 289 -6.85 -1.58 4.58
CA LEU A 289 -6.05 -1.13 5.69
C LEU A 289 -5.96 0.39 5.71
N ILE A 290 -7.02 1.00 6.20
CA ILE A 290 -7.23 2.47 6.17
C ILE A 290 -7.65 2.91 7.57
N SER A 291 -7.11 4.00 8.08
CA SER A 291 -7.60 4.49 9.38
C SER A 291 -8.99 5.09 9.21
N THR A 292 -9.88 4.66 10.10
CA THR A 292 -11.24 5.26 10.21
C THR A 292 -11.54 5.37 11.68
N PRO A 293 -11.67 6.58 12.30
CA PRO A 293 -11.67 7.89 11.62
C PRO A 293 -10.35 8.16 10.93
N PHE A 294 -10.42 9.10 9.98
CA PHE A 294 -9.25 9.59 9.26
C PHE A 294 -8.29 10.33 10.16
N PRO A 295 -7.04 10.48 9.72
CA PRO A 295 -6.13 11.40 10.43
C PRO A 295 -6.74 12.76 10.64
N ALA A 296 -6.43 13.41 11.76
CA ALA A 296 -6.91 14.76 12.03
C ALA A 296 -6.55 15.72 10.88
N VAL A 297 -5.37 15.52 10.27
CA VAL A 297 -4.89 16.44 9.21
C VAL A 297 -5.49 16.12 7.82
N TRP A 298 -6.38 15.11 7.70
CA TRP A 298 -6.83 14.64 6.38
C TRP A 298 -7.31 15.75 5.49
N HIS A 299 -6.77 15.78 4.27
CA HIS A 299 -7.18 16.73 3.23
C HIS A 299 -7.07 18.16 3.71
N THR A 300 -6.04 18.42 4.51
CA THR A 300 -5.62 19.78 4.79
C THR A 300 -4.16 19.87 4.48
N PRO A 301 -3.63 21.10 4.27
CA PRO A 301 -2.20 21.23 4.00
C PRO A 301 -1.33 20.79 5.12
N ALA A 302 -1.87 20.56 6.33
CA ALA A 302 -1.06 20.08 7.49
C ALA A 302 -0.76 18.58 7.41
N ASP A 303 -1.19 17.88 6.34
CA ASP A 303 -0.84 16.46 6.20
C ASP A 303 0.61 16.37 5.63
N THR A 304 1.57 16.58 6.54
CA THR A 304 2.97 16.79 6.22
C THR A 304 3.81 15.86 7.05
N GLU A 305 5.12 15.85 6.73
CA GLU A 305 6.08 15.02 7.49
C GLU A 305 6.06 15.38 8.96
N VAL A 306 6.03 16.68 9.35
CA VAL A 306 6.20 17.05 10.75
C VAL A 306 5.03 16.52 11.55
N ASN A 307 3.87 16.29 10.93
CA ASN A 307 2.70 15.79 11.69
C ASN A 307 2.56 14.31 11.67
N LEU A 308 3.43 13.58 10.97
CA LEU A 308 3.47 12.14 11.12
C LEU A 308 3.92 11.80 12.52
N HIS A 309 3.62 10.57 12.98
CA HIS A 309 4.11 10.08 14.25
C HIS A 309 5.08 8.92 13.95
N PRO A 310 6.40 9.18 13.96
CA PRO A 310 7.37 8.14 13.51
C PRO A 310 7.19 6.82 14.23
N PRO A 311 6.99 6.81 15.58
CA PRO A 311 6.89 5.48 16.22
C PRO A 311 5.73 4.66 15.61
N THR A 312 4.62 5.32 15.30
CA THR A 312 3.51 4.61 14.71
C THR A 312 3.87 4.07 13.34
N VAL A 313 4.53 4.91 12.51
CA VAL A 313 4.94 4.42 11.19
C VAL A 313 5.73 3.14 11.33
N HIS A 314 6.73 3.13 12.24
CA HIS A 314 7.58 1.95 12.38
C HIS A 314 6.82 0.80 13.04
N ASN A 315 5.92 1.06 13.96
CA ASN A 315 5.07 -0.02 14.46
C ASN A 315 4.33 -0.72 13.31
N LEU A 316 3.70 0.10 12.43
CA LEU A 316 2.94 -0.48 11.33
C LEU A 316 3.84 -1.25 10.44
N CYS A 317 5.06 -0.75 10.17
CA CYS A 317 6.00 -1.46 9.30
C CYS A 317 6.35 -2.81 9.95
N ARG A 318 6.51 -2.87 11.28
CA ARG A 318 6.82 -4.19 11.89
C ARG A 318 5.66 -5.14 11.81
N ILE A 319 4.44 -4.65 12.06
CA ILE A 319 3.24 -5.48 11.98
C ILE A 319 3.16 -6.07 10.53
N LEU A 320 3.31 -5.18 9.55
CA LEU A 320 3.20 -5.59 8.16
C LEU A 320 4.32 -6.56 7.70
N ALA A 321 5.54 -6.37 8.20
CA ALA A 321 6.64 -7.25 7.85
C ALA A 321 6.38 -8.66 8.39
N VAL A 322 5.87 -8.78 9.62
CA VAL A 322 5.52 -10.09 10.15
C VAL A 322 4.35 -10.69 9.36
N PHE A 323 3.34 -9.89 9.03
CA PHE A 323 2.22 -10.37 8.27
C PHE A 323 2.71 -10.96 6.97
N LEU A 324 3.57 -10.18 6.23
CA LEU A 324 4.04 -10.59 4.94
C LEU A 324 4.87 -11.87 5.03
N ALA A 325 5.75 -11.95 6.02
CA ALA A 325 6.54 -13.17 6.14
C ALA A 325 5.69 -14.38 6.48
N GLU A 326 4.68 -14.20 7.28
CA GLU A 326 3.79 -15.33 7.60
C GLU A 326 2.94 -15.67 6.39
N TYR A 327 2.40 -14.68 5.66
CA TYR A 327 1.51 -14.99 4.52
C TYR A 327 2.22 -15.78 3.44
N LEU A 328 3.45 -15.37 3.13
CA LEU A 328 4.23 -15.97 2.06
C LEU A 328 5.20 -17.06 2.54
N GLY A 329 5.22 -17.36 3.84
CA GLY A 329 6.09 -18.49 4.31
C GLY A 329 7.56 -18.09 4.14
N LEU A 330 7.93 -16.85 4.43
CA LEU A 330 9.32 -16.39 4.33
C LEU A 330 10.10 -16.52 5.63
#